data_6I89
#
_entry.id   6I89
#
_cell.length_a   136.798
_cell.length_b   136.798
_cell.length_c   51.701
_cell.angle_alpha   90.000
_cell.angle_beta   90.000
_cell.angle_gamma   120.000
#
_symmetry.space_group_name_H-M   'H 3'
#
loop_
_entity.id
_entity.type
_entity.pdbx_description
1 polymer 'ArdC protein'
2 non-polymer (4S)-2-METHYL-2,4-PENTANEDIOL
3 water water
#
_entity_poly.entity_id   1
_entity_poly.type   'polypeptide(L)'
_entity_poly.pdbx_seq_one_letter_code
;MNAKTKFDLYQHVTDRIIASIEAGTPAWRKPWTGEAATMQMPLRSNGEAYRGINVVMLWLTAAEKGYRSAYWFTYRQAKE
LGGQVRKGEKGSTVVKFGTIEREDEQTGEEKKIPYLKGYTVFNADQIDGLPEQYHAAPAEAARDLGTAADPELDAFFAAT
GADIRTSSEPRAYYNPTGDYIHMPPIATFHSAAGYYATLAHEATHWTGHKSRLDRFSRFSDRKSYAFEELIAEIGNCMLC
ASLGLIPDFDQSAAYVQSWLRALKDDKRLIFKAATEAQKAADLLQENAANFQRKEAA
;
_entity_poly.pdbx_strand_id   A
#
loop_
_chem_comp.id
_chem_comp.type
_chem_comp.name
_chem_comp.formula
MPD non-polymer (4S)-2-METHYL-2,4-PENTANEDIOL 'C6 H14 O2'
#
# COMPACT_ATOMS: atom_id res chain seq x y z
N PHE A 7 -9.50 -13.67 18.12
CA PHE A 7 -10.10 -12.35 18.29
C PHE A 7 -10.58 -11.77 16.96
N ASP A 8 -11.18 -10.58 17.02
CA ASP A 8 -11.70 -9.91 15.83
C ASP A 8 -10.53 -9.32 15.04
N LEU A 9 -10.18 -9.98 13.94
CA LEU A 9 -9.06 -9.50 13.11
C LEU A 9 -9.36 -8.13 12.52
N TYR A 10 -10.59 -7.89 12.08
CA TYR A 10 -10.97 -6.59 11.55
C TYR A 10 -10.70 -5.48 12.56
N GLN A 11 -11.20 -5.65 13.79
CA GLN A 11 -11.05 -4.61 14.78
C GLN A 11 -9.60 -4.49 15.25
N HIS A 12 -8.88 -5.61 15.32
CA HIS A 12 -7.49 -5.56 15.76
C HIS A 12 -6.61 -4.73 14.82
N VAL A 13 -6.77 -4.93 13.51
CA VAL A 13 -6.01 -4.15 12.53
C VAL A 13 -6.45 -2.69 12.55
N THR A 14 -7.76 -2.46 12.47
CA THR A 14 -8.28 -1.10 12.50
C THR A 14 -7.82 -0.35 13.75
N ASP A 15 -7.81 -1.02 14.91
CA ASP A 15 -7.35 -0.37 16.13
C ASP A 15 -5.88 0.02 16.04
N ARG A 16 -5.05 -0.85 15.46
CA ARG A 16 -3.63 -0.51 15.29
C ARG A 16 -3.48 0.71 14.39
N ILE A 17 -4.29 0.79 13.33
CA ILE A 17 -4.21 1.92 12.41
C ILE A 17 -4.68 3.20 13.10
N ILE A 18 -5.81 3.13 13.81
CA ILE A 18 -6.34 4.30 14.49
C ILE A 18 -5.32 4.85 15.47
N ALA A 19 -4.66 3.97 16.23
CA ALA A 19 -3.65 4.40 17.20
C ALA A 19 -2.47 5.08 16.52
N SER A 20 -2.01 4.54 15.37
CA SER A 20 -0.89 5.17 14.68
C SER A 20 -1.27 6.55 14.16
N ILE A 21 -2.51 6.71 13.72
CA ILE A 21 -2.95 8.02 13.25
C ILE A 21 -3.04 9.00 14.41
N GLU A 22 -3.63 8.56 15.52
CA GLU A 22 -3.74 9.45 16.67
C GLU A 22 -2.37 9.76 17.26
N ALA A 23 -1.39 8.87 17.07
CA ALA A 23 -0.03 9.17 17.48
C ALA A 23 0.65 10.23 16.62
N GLY A 24 0.07 10.56 15.46
CA GLY A 24 0.66 11.52 14.56
C GLY A 24 1.45 10.93 13.41
N THR A 25 1.59 9.61 13.35
CA THR A 25 2.35 8.98 12.27
C THR A 25 1.59 7.76 11.76
N PRO A 26 0.71 7.96 10.78
CA PRO A 26 -0.05 6.83 10.22
C PRO A 26 0.86 5.70 9.74
N ALA A 27 0.36 4.47 9.90
CA ALA A 27 1.14 3.26 9.66
C ALA A 27 1.83 3.27 8.29
N TRP A 28 1.10 3.65 7.24
CA TRP A 28 1.67 3.58 5.88
C TRP A 28 2.76 4.61 5.65
N ARG A 29 2.94 5.57 6.55
CA ARG A 29 3.98 6.58 6.44
C ARG A 29 5.26 6.16 7.15
N LYS A 30 5.21 5.09 7.94
CA LYS A 30 6.35 4.69 8.76
C LYS A 30 7.64 4.45 8.00
N PRO A 31 7.67 3.81 6.80
CA PRO A 31 8.96 3.60 6.11
C PRO A 31 9.77 4.89 5.94
N TRP A 32 9.08 6.04 5.99
CA TRP A 32 9.69 7.31 5.64
C TRP A 32 9.77 8.27 6.84
N GLN A 40 10.74 0.07 1.23
CA GLN A 40 11.15 -1.27 1.67
C GLN A 40 9.93 -2.20 1.75
N MET A 41 9.58 -2.80 0.63
CA MET A 41 8.41 -3.66 0.59
C MET A 41 8.65 -4.91 1.44
N PRO A 42 7.72 -5.28 2.31
CA PRO A 42 7.91 -6.52 3.09
C PRO A 42 7.73 -7.74 2.22
N LEU A 43 8.58 -8.74 2.42
CA LEU A 43 8.63 -9.92 1.56
C LEU A 43 8.31 -11.20 2.34
N ARG A 44 7.66 -12.14 1.67
CA ARG A 44 7.48 -13.49 2.19
C ARG A 44 8.79 -14.29 2.07
N SER A 45 8.79 -15.48 2.67
CA SER A 45 10.04 -16.24 2.73
C SER A 45 10.50 -16.70 1.34
N ASN A 46 9.57 -16.87 0.40
CA ASN A 46 9.92 -17.19 -0.98
C ASN A 46 10.27 -15.97 -1.81
N GLY A 47 10.35 -14.78 -1.23
CA GLY A 47 10.71 -13.59 -1.95
C GLY A 47 9.55 -12.80 -2.53
N GLU A 48 8.34 -13.37 -2.60
CA GLU A 48 7.22 -12.61 -3.13
C GLU A 48 6.76 -11.55 -2.14
N ALA A 49 6.35 -10.39 -2.65
CA ALA A 49 5.93 -9.29 -1.80
C ALA A 49 4.60 -9.59 -1.13
N TYR A 50 4.47 -9.16 0.13
CA TYR A 50 3.15 -9.03 0.71
C TYR A 50 2.33 -8.01 -0.07
N ARG A 51 1.00 -8.05 0.12
CA ARG A 51 0.08 -7.20 -0.65
C ARG A 51 -0.96 -6.58 0.29
N GLY A 52 -1.51 -5.44 -0.15
CA GLY A 52 -2.69 -4.88 0.49
C GLY A 52 -2.46 -4.55 1.96
N ILE A 53 -3.42 -4.94 2.79
CA ILE A 53 -3.39 -4.56 4.21
C ILE A 53 -2.15 -5.14 4.91
N ASN A 54 -1.62 -6.27 4.43
CA ASN A 54 -0.44 -6.85 5.07
C ASN A 54 0.78 -5.97 4.89
N VAL A 55 0.89 -5.27 3.76
CA VAL A 55 1.99 -4.32 3.60
C VAL A 55 1.93 -3.25 4.67
N VAL A 56 0.74 -2.68 4.87
CA VAL A 56 0.60 -1.61 5.86
C VAL A 56 0.95 -2.12 7.26
N MET A 57 0.45 -3.31 7.62
CA MET A 57 0.70 -3.84 8.97
C MET A 57 2.19 -4.13 9.20
N LEU A 58 2.87 -4.69 8.20
CA LEU A 58 4.26 -5.02 8.40
C LEU A 58 5.16 -3.78 8.39
N TRP A 59 4.81 -2.75 7.61
CA TRP A 59 5.51 -1.47 7.72
C TRP A 59 5.40 -0.92 9.13
N LEU A 60 4.18 -0.93 9.68
CA LEU A 60 3.97 -0.46 11.04
C LEU A 60 4.80 -1.24 12.04
N THR A 61 4.71 -2.57 12.00
CA THR A 61 5.44 -3.40 12.96
C THR A 61 6.93 -3.17 12.85
N ALA A 62 7.47 -3.17 11.63
CA ALA A 62 8.89 -2.95 11.42
C ALA A 62 9.34 -1.64 12.05
N ALA A 63 8.55 -0.58 11.90
CA ALA A 63 8.92 0.70 12.52
C ALA A 63 8.80 0.61 14.03
N GLU A 64 7.73 -0.01 14.54
CA GLU A 64 7.51 -0.09 15.98
C GLU A 64 8.63 -0.85 16.66
N LYS A 65 9.14 -1.89 16.03
CA LYS A 65 10.10 -2.78 16.67
C LYS A 65 11.51 -2.61 16.15
N GLY A 66 11.72 -1.77 15.13
CA GLY A 66 13.06 -1.47 14.66
C GLY A 66 13.71 -2.56 13.84
N TYR A 67 12.94 -3.21 12.97
CA TYR A 67 13.51 -4.24 12.12
C TYR A 67 14.07 -3.61 10.85
N ARG A 68 15.10 -4.26 10.29
CA ARG A 68 15.76 -3.80 9.08
C ARG A 68 15.61 -4.76 7.91
N SER A 69 15.36 -6.04 8.16
CA SER A 69 15.15 -6.99 7.08
C SER A 69 13.77 -6.82 6.48
N ALA A 70 13.66 -7.05 5.17
CA ALA A 70 12.38 -7.02 4.49
C ALA A 70 11.58 -8.30 4.65
N TYR A 71 12.20 -9.36 5.15
CA TYR A 71 11.64 -10.70 5.07
C TYR A 71 10.93 -11.08 6.37
N TRP A 72 9.79 -11.77 6.21
CA TRP A 72 8.97 -12.22 7.32
C TRP A 72 8.63 -13.69 7.13
N PHE A 73 8.71 -14.45 8.21
CA PHE A 73 8.61 -15.91 8.18
C PHE A 73 7.59 -16.38 9.20
N THR A 74 6.82 -17.40 8.85
CA THR A 74 6.16 -18.18 9.87
C THR A 74 7.23 -18.99 10.60
N TYR A 75 6.94 -19.31 11.86
CA TYR A 75 7.86 -20.15 12.63
C TYR A 75 8.28 -21.37 11.83
N ARG A 76 7.32 -22.04 11.18
CA ARG A 76 7.64 -23.24 10.42
C ARG A 76 8.55 -22.91 9.24
N GLN A 77 8.29 -21.81 8.53
CA GLN A 77 9.12 -21.47 7.39
C GLN A 77 10.55 -21.21 7.82
N ALA A 78 10.73 -20.53 8.96
CA ALA A 78 12.06 -20.33 9.51
C ALA A 78 12.73 -21.66 9.85
N LYS A 79 11.97 -22.57 10.48
CA LYS A 79 12.52 -23.87 10.83
C LYS A 79 13.03 -24.62 9.60
N GLU A 80 12.18 -24.68 8.55
CA GLU A 80 12.56 -25.37 7.32
C GLU A 80 13.83 -24.82 6.70
N LEU A 81 14.20 -23.59 7.00
CA LEU A 81 15.40 -22.96 6.46
C LEU A 81 16.57 -22.99 7.42
N GLY A 82 16.46 -23.75 8.52
CA GLY A 82 17.52 -23.80 9.50
C GLY A 82 17.52 -22.67 10.50
N GLY A 83 16.51 -21.81 10.50
CA GLY A 83 16.45 -20.68 11.41
C GLY A 83 15.61 -21.00 12.64
N GLN A 84 15.91 -20.34 13.75
CA GLN A 84 15.18 -20.53 14.98
C GLN A 84 14.72 -19.17 15.50
N VAL A 85 13.40 -19.00 15.67
CA VAL A 85 12.90 -17.78 16.29
C VAL A 85 13.42 -17.72 17.71
N ARG A 86 14.05 -16.59 18.06
CA ARG A 86 14.74 -16.54 19.35
C ARG A 86 13.76 -16.53 20.51
N LYS A 87 14.19 -17.09 21.63
CA LYS A 87 13.30 -17.23 22.77
C LYS A 87 12.83 -15.86 23.25
N GLY A 88 11.54 -15.77 23.57
CA GLY A 88 10.95 -14.51 23.97
C GLY A 88 10.43 -13.65 22.84
N GLU A 89 10.77 -13.95 21.59
CA GLU A 89 10.34 -13.12 20.47
C GLU A 89 8.85 -13.33 20.18
N LYS A 90 8.14 -12.22 19.98
CA LYS A 90 6.70 -12.26 19.72
C LYS A 90 6.43 -11.99 18.23
N GLY A 91 5.59 -12.82 17.63
CA GLY A 91 5.25 -12.68 16.22
C GLY A 91 4.29 -11.54 15.95
N SER A 92 3.96 -11.41 14.66
CA SER A 92 3.07 -10.35 14.18
C SER A 92 1.97 -10.97 13.32
N THR A 93 0.81 -10.30 13.29
CA THR A 93 -0.37 -10.84 12.61
C THR A 93 -0.40 -10.38 11.16
N VAL A 94 -0.55 -11.33 10.24
CA VAL A 94 -0.91 -11.01 8.87
C VAL A 94 -2.20 -11.74 8.58
N VAL A 95 -2.98 -11.22 7.65
CA VAL A 95 -4.30 -11.78 7.40
C VAL A 95 -4.35 -12.37 6.00
N LYS A 96 -5.22 -13.37 5.83
CA LYS A 96 -5.51 -13.96 4.55
C LYS A 96 -7.02 -14.06 4.38
N PHE A 97 -7.48 -13.71 3.17
CA PHE A 97 -8.87 -13.89 2.76
C PHE A 97 -8.97 -15.06 1.81
N GLY A 98 -10.08 -15.77 1.88
CA GLY A 98 -10.31 -16.82 0.92
C GLY A 98 -11.72 -17.36 1.03
N THR A 99 -11.95 -18.45 0.31
CA THR A 99 -13.17 -19.23 0.44
C THR A 99 -12.78 -20.64 0.83
N ILE A 100 -13.64 -21.28 1.61
CA ILE A 100 -13.41 -22.65 2.04
C ILE A 100 -14.70 -23.43 1.85
N GLU A 101 -14.56 -24.70 1.49
CA GLU A 101 -15.73 -25.54 1.26
C GLU A 101 -16.30 -26.03 2.58
N ARG A 102 -17.60 -25.79 2.76
CA ARG A 102 -18.39 -26.32 3.87
C ARG A 102 -19.72 -26.85 3.32
N GLU A 103 -20.45 -27.59 4.15
CA GLU A 103 -21.69 -28.23 3.72
C GLU A 103 -22.88 -27.69 4.52
N ASP A 104 -24.08 -27.87 3.94
CA ASP A 104 -25.26 -27.19 4.47
C ASP A 104 -25.61 -27.66 5.88
N GLU A 105 -25.63 -28.99 6.10
CA GLU A 105 -26.01 -29.69 7.34
C GLU A 105 -27.35 -30.38 7.14
N GLN A 106 -28.41 -29.59 6.91
CA GLN A 106 -29.70 -30.17 6.52
C GLN A 106 -29.54 -30.97 5.24
N THR A 107 -29.17 -30.31 4.16
CA THR A 107 -28.68 -30.99 2.96
C THR A 107 -27.15 -31.09 3.04
N GLY A 108 -26.59 -31.91 2.17
CA GLY A 108 -25.15 -31.91 2.10
C GLY A 108 -24.56 -30.93 1.11
N GLU A 109 -25.38 -30.03 0.55
CA GLU A 109 -24.94 -29.14 -0.52
C GLU A 109 -23.66 -28.40 -0.14
N GLU A 110 -22.68 -28.42 -1.06
CA GLU A 110 -21.48 -27.64 -0.86
C GLU A 110 -21.80 -26.16 -1.01
N LYS A 111 -21.21 -25.35 -0.15
CA LYS A 111 -21.28 -23.90 -0.29
C LYS A 111 -19.94 -23.34 0.14
N LYS A 112 -19.17 -22.83 -0.83
CA LYS A 112 -17.94 -22.11 -0.53
C LYS A 112 -18.28 -20.87 0.31
N ILE A 113 -17.62 -20.75 1.46
CA ILE A 113 -17.86 -19.65 2.40
C ILE A 113 -16.64 -18.74 2.37
N PRO A 114 -16.81 -17.43 2.27
CA PRO A 114 -15.66 -16.53 2.32
C PRO A 114 -15.25 -16.25 3.76
N TYR A 115 -13.94 -16.18 3.99
CA TYR A 115 -13.44 -16.06 5.35
C TYR A 115 -12.25 -15.11 5.41
N LEU A 116 -11.95 -14.70 6.63
CA LEU A 116 -10.73 -14.01 6.99
C LEU A 116 -10.04 -14.82 8.08
N LYS A 117 -8.74 -15.07 7.93
CA LYS A 117 -7.97 -15.76 8.97
C LYS A 117 -6.64 -15.07 9.19
N GLY A 118 -6.00 -15.41 10.30
CA GLY A 118 -4.72 -14.85 10.68
C GLY A 118 -3.56 -15.81 10.57
N TYR A 119 -2.36 -15.26 10.40
CA TYR A 119 -1.11 -16.00 10.48
C TYR A 119 -0.15 -15.21 11.37
N THR A 120 0.73 -15.91 12.05
CA THR A 120 1.79 -15.26 12.81
C THR A 120 3.08 -15.32 12.00
N VAL A 121 3.72 -14.17 11.81
CA VAL A 121 5.01 -14.12 11.13
C VAL A 121 6.02 -13.37 11.99
N PHE A 122 7.30 -13.70 11.80
CA PHE A 122 8.42 -13.11 12.51
C PHE A 122 9.37 -12.51 11.50
N ASN A 123 9.90 -11.34 11.81
CA ASN A 123 10.89 -10.70 10.95
C ASN A 123 12.22 -11.44 11.04
N ALA A 124 12.95 -11.45 9.92
CA ALA A 124 14.26 -12.11 9.90
C ALA A 124 15.15 -11.65 11.06
N ASP A 125 14.96 -10.42 11.55
CA ASP A 125 15.77 -9.94 12.66
C ASP A 125 15.48 -10.65 13.97
N GLN A 126 14.38 -11.42 14.05
CA GLN A 126 14.02 -12.16 15.26
C GLN A 126 14.54 -13.58 15.26
N ILE A 127 15.26 -13.98 14.21
CA ILE A 127 15.54 -15.38 13.94
C ILE A 127 17.04 -15.56 13.83
N ASP A 128 17.57 -16.59 14.49
CA ASP A 128 18.97 -16.96 14.37
C ASP A 128 19.10 -18.08 13.34
N GLY A 129 20.18 -18.03 12.56
CA GLY A 129 20.54 -19.15 11.72
C GLY A 129 19.97 -19.16 10.32
N LEU A 130 19.38 -18.05 9.87
CA LEU A 130 18.87 -18.02 8.52
C LEU A 130 20.00 -17.86 7.52
N PRO A 131 19.81 -18.31 6.28
CA PRO A 131 20.77 -17.99 5.23
C PRO A 131 20.94 -16.48 5.07
N GLU A 132 22.19 -16.07 4.80
CA GLU A 132 22.58 -14.67 4.87
C GLU A 132 21.74 -13.78 3.94
N GLN A 133 21.20 -14.35 2.86
CA GLN A 133 20.39 -13.58 1.92
C GLN A 133 19.23 -12.86 2.62
N TYR A 134 18.78 -13.38 3.75
CA TYR A 134 17.62 -12.81 4.43
C TYR A 134 17.97 -11.73 5.44
N HIS A 135 19.25 -11.50 5.74
CA HIS A 135 19.60 -10.52 6.77
C HIS A 135 19.50 -9.10 6.26
N ALA A 142 18.58 6.08 -1.43
CA ALA A 142 17.69 6.32 -2.56
C ALA A 142 18.42 7.06 -3.68
N ARG A 143 18.14 6.65 -4.93
CA ARG A 143 18.81 7.24 -6.09
C ARG A 143 18.62 8.75 -6.09
N ASP A 144 19.72 9.48 -6.26
CA ASP A 144 19.69 10.96 -6.27
C ASP A 144 19.30 11.44 -7.67
N LEU A 145 18.20 12.17 -7.75
CA LEU A 145 17.66 12.59 -9.03
C LEU A 145 17.98 14.03 -9.39
N GLY A 146 18.59 14.79 -8.48
CA GLY A 146 18.88 16.18 -8.75
C GLY A 146 17.61 16.99 -8.96
N THR A 147 17.63 17.86 -9.97
CA THR A 147 16.53 18.76 -10.23
C THR A 147 15.97 18.65 -11.65
N ALA A 148 16.60 17.89 -12.54
CA ALA A 148 16.15 17.74 -13.91
C ALA A 148 15.35 16.44 -14.08
N ALA A 149 14.69 16.32 -15.24
CA ALA A 149 13.92 15.13 -15.54
C ALA A 149 14.82 13.89 -15.53
N ASP A 150 14.22 12.75 -15.19
CA ASP A 150 14.95 11.49 -15.12
C ASP A 150 14.49 10.58 -16.25
N PRO A 151 15.38 10.09 -17.10
CA PRO A 151 14.91 9.24 -18.21
C PRO A 151 14.12 8.03 -17.75
N GLU A 152 14.56 7.35 -16.69
CA GLU A 152 13.90 6.11 -16.32
C GLU A 152 12.52 6.37 -15.75
N LEU A 153 12.40 7.38 -14.90
CA LEU A 153 11.08 7.68 -14.34
C LEU A 153 10.15 8.27 -15.42
N ASP A 154 10.70 9.09 -16.32
CA ASP A 154 9.88 9.55 -17.43
C ASP A 154 9.39 8.38 -18.28
N ALA A 155 10.26 7.40 -18.55
CA ALA A 155 9.82 6.23 -19.32
C ALA A 155 8.73 5.48 -18.59
N PHE A 156 8.86 5.29 -17.28
CA PHE A 156 7.83 4.57 -16.53
C PHE A 156 6.47 5.27 -16.67
N PHE A 157 6.43 6.58 -16.37
CA PHE A 157 5.12 7.24 -16.38
C PHE A 157 4.54 7.34 -17.78
N ALA A 158 5.38 7.50 -18.81
CA ALA A 158 4.86 7.44 -20.16
C ALA A 158 4.22 6.08 -20.43
N ALA A 159 4.86 5.01 -19.97
CA ALA A 159 4.38 3.66 -20.25
C ALA A 159 3.12 3.31 -19.46
N THR A 160 2.74 4.09 -18.44
CA THR A 160 1.47 3.85 -17.78
C THR A 160 0.29 4.12 -18.70
N GLY A 161 0.48 4.93 -19.73
CA GLY A 161 -0.61 5.37 -20.56
C GLY A 161 -1.22 6.71 -20.15
N ALA A 162 -0.80 7.29 -19.04
CA ALA A 162 -1.42 8.52 -18.55
C ALA A 162 -1.04 9.71 -19.44
N ASP A 163 -2.04 10.50 -19.81
CA ASP A 163 -1.84 11.79 -20.47
C ASP A 163 -1.43 12.81 -19.42
N ILE A 164 -0.18 13.27 -19.49
CA ILE A 164 0.37 14.24 -18.53
C ILE A 164 0.53 15.57 -19.26
N ARG A 165 -0.15 16.60 -18.76
CA ARG A 165 -0.08 17.95 -19.32
C ARG A 165 0.60 18.88 -18.33
N THR A 166 1.34 19.86 -18.85
CA THR A 166 2.13 20.80 -18.05
C THR A 166 1.70 22.23 -18.37
N SER A 167 1.56 23.04 -17.33
CA SER A 167 1.32 24.48 -17.50
C SER A 167 1.95 25.19 -16.32
N SER A 168 1.92 26.53 -16.35
CA SER A 168 2.51 27.28 -15.25
C SER A 168 1.64 27.30 -13.99
N GLU A 169 0.40 26.81 -14.05
CA GLU A 169 -0.45 26.71 -12.87
C GLU A 169 0.27 25.92 -11.79
N PRO A 170 0.53 26.53 -10.60
CA PRO A 170 1.37 25.88 -9.58
C PRO A 170 0.63 24.88 -8.70
N ARG A 171 -0.02 23.92 -9.35
CA ARG A 171 -0.76 22.89 -8.63
C ARG A 171 -0.77 21.60 -9.46
N ALA A 172 -0.57 20.47 -8.80
CA ALA A 172 -0.66 19.17 -9.48
C ALA A 172 -2.00 18.53 -9.18
N TYR A 173 -2.63 17.95 -10.19
CA TYR A 173 -3.92 17.33 -9.94
C TYR A 173 -4.24 16.39 -11.09
N TYR A 174 -5.16 15.47 -10.82
CA TYR A 174 -5.71 14.59 -11.84
C TYR A 174 -7.08 15.12 -12.20
N ASN A 175 -7.30 15.38 -13.48
CA ASN A 175 -8.57 15.89 -13.98
C ASN A 175 -9.38 14.73 -14.53
N PRO A 176 -10.41 14.25 -13.84
CA PRO A 176 -11.12 13.05 -14.31
C PRO A 176 -12.03 13.30 -15.50
N THR A 177 -12.48 14.53 -15.73
CA THR A 177 -13.40 14.78 -16.83
C THR A 177 -12.65 14.86 -18.16
N GLY A 178 -11.54 15.60 -18.21
CA GLY A 178 -10.70 15.50 -19.39
C GLY A 178 -9.77 14.30 -19.43
N ASP A 179 -9.71 13.54 -18.33
CA ASP A 179 -8.85 12.36 -18.14
C ASP A 179 -7.38 12.63 -18.46
N TYR A 180 -6.77 13.52 -17.67
CA TYR A 180 -5.34 13.76 -17.78
C TYR A 180 -4.81 14.20 -16.43
N ILE A 181 -3.50 14.14 -16.28
CA ILE A 181 -2.80 14.64 -15.09
C ILE A 181 -2.21 16.00 -15.44
N HIS A 182 -2.45 17.01 -14.60
CA HIS A 182 -1.78 18.29 -14.75
C HIS A 182 -0.58 18.37 -13.82
N MET A 183 0.58 18.64 -14.39
CA MET A 183 1.73 18.92 -13.53
C MET A 183 2.25 20.33 -13.78
N PRO A 184 2.75 21.02 -12.76
CA PRO A 184 3.55 22.23 -13.01
C PRO A 184 4.90 21.85 -13.59
N PRO A 185 5.68 22.82 -14.09
CA PRO A 185 6.98 22.48 -14.69
C PRO A 185 7.97 21.98 -13.65
N ILE A 186 8.75 20.97 -14.04
CA ILE A 186 9.66 20.33 -13.11
C ILE A 186 10.62 21.34 -12.48
N ALA A 187 11.03 22.36 -13.25
CA ALA A 187 12.00 23.32 -12.73
C ALA A 187 11.46 24.06 -11.50
N THR A 188 10.13 24.23 -11.39
CA THR A 188 9.56 24.94 -10.25
C THR A 188 9.54 24.10 -8.97
N PHE A 189 9.87 22.80 -9.03
CA PHE A 189 9.98 22.01 -7.81
C PHE A 189 11.35 22.14 -7.14
N HIS A 190 12.38 22.52 -7.91
CA HIS A 190 13.79 22.41 -7.51
C HIS A 190 14.09 21.12 -6.76
N SER A 191 13.62 20.01 -7.34
CA SER A 191 13.77 18.68 -6.77
C SER A 191 13.04 17.70 -7.67
N ALA A 192 13.80 16.95 -8.46
CA ALA A 192 13.17 15.92 -9.27
C ALA A 192 12.49 14.87 -8.41
N ALA A 193 13.02 14.60 -7.20
CA ALA A 193 12.37 13.64 -6.32
C ALA A 193 10.99 14.14 -5.91
N GLY A 194 10.86 15.43 -5.63
CA GLY A 194 9.55 15.97 -5.28
C GLY A 194 8.62 15.94 -6.48
N TYR A 195 9.15 16.22 -7.66
CA TYR A 195 8.33 16.17 -8.87
C TYR A 195 7.76 14.77 -9.09
N TYR A 196 8.62 13.75 -9.05
CA TYR A 196 8.13 12.42 -9.39
C TYR A 196 7.26 11.83 -8.29
N ALA A 197 7.52 12.18 -7.03
CA ALA A 197 6.63 11.73 -5.96
C ALA A 197 5.25 12.34 -6.12
N THR A 198 5.20 13.58 -6.58
CA THR A 198 3.91 14.24 -6.80
C THR A 198 3.19 13.61 -7.98
N LEU A 199 3.91 13.38 -9.08
CA LEU A 199 3.30 12.72 -10.23
C LEU A 199 2.80 11.32 -9.86
N ALA A 200 3.59 10.59 -9.06
CA ALA A 200 3.17 9.26 -8.59
C ALA A 200 1.85 9.34 -7.87
N HIS A 201 1.68 10.36 -7.02
CA HIS A 201 0.42 10.52 -6.30
C HIS A 201 -0.75 10.75 -7.26
N GLU A 202 -0.58 11.67 -8.21
CA GLU A 202 -1.66 11.92 -9.16
C GLU A 202 -1.90 10.72 -10.08
N ALA A 203 -0.84 9.98 -10.45
CA ALA A 203 -1.06 8.76 -11.23
C ALA A 203 -1.90 7.75 -10.44
N THR A 204 -1.77 7.72 -9.11
CA THR A 204 -2.60 6.81 -8.31
C THR A 204 -4.09 7.19 -8.44
N HIS A 205 -4.42 8.49 -8.30
CA HIS A 205 -5.77 8.96 -8.58
C HIS A 205 -6.22 8.59 -9.99
N TRP A 206 -5.34 8.80 -10.98
CA TRP A 206 -5.65 8.52 -12.39
C TRP A 206 -6.17 7.09 -12.61
N THR A 207 -5.72 6.12 -11.80
CA THR A 207 -6.23 4.75 -11.98
C THR A 207 -7.71 4.63 -11.62
N GLY A 208 -8.27 5.60 -10.91
CA GLY A 208 -9.66 5.47 -10.49
C GLY A 208 -10.71 5.82 -11.52
N HIS A 209 -10.29 6.24 -12.71
CA HIS A 209 -11.21 6.66 -13.77
C HIS A 209 -12.17 5.54 -14.16
N LYS A 210 -13.35 5.93 -14.63
CA LYS A 210 -14.38 4.94 -14.95
C LYS A 210 -13.91 3.92 -15.98
N SER A 211 -13.00 4.29 -16.88
CA SER A 211 -12.50 3.34 -17.86
C SER A 211 -11.43 2.42 -17.30
N ARG A 212 -11.04 2.60 -16.04
CA ARG A 212 -9.98 1.77 -15.47
C ARG A 212 -10.52 1.10 -14.20
N LEU A 213 -10.10 1.53 -13.02
CA LEU A 213 -10.57 0.85 -11.82
C LEU A 213 -11.91 1.39 -11.32
N ASP A 214 -12.40 2.50 -11.88
CA ASP A 214 -13.79 2.92 -11.70
C ASP A 214 -14.10 3.17 -10.22
N ARG A 215 -13.17 3.83 -9.52
CA ARG A 215 -13.39 4.06 -8.10
C ARG A 215 -14.43 5.14 -7.85
N PHE A 216 -14.51 6.16 -8.71
CA PHE A 216 -15.32 7.33 -8.37
C PHE A 216 -16.80 7.00 -8.36
N SER A 217 -17.23 6.10 -9.23
CA SER A 217 -18.61 5.68 -9.24
C SER A 217 -18.87 4.58 -8.20
N ARG A 218 -17.91 3.70 -7.96
CA ARG A 218 -18.12 2.62 -7.02
C ARG A 218 -18.14 3.12 -5.57
N PHE A 219 -17.45 4.22 -5.28
CA PHE A 219 -17.35 4.70 -3.90
C PHE A 219 -17.90 6.11 -3.76
N SER A 220 -19.17 6.32 -4.08
CA SER A 220 -19.79 7.60 -3.76
C SER A 220 -19.73 7.76 -2.25
N ASP A 221 -18.97 8.74 -1.79
CA ASP A 221 -18.49 8.81 -0.41
C ASP A 221 -19.37 9.78 0.37
N ARG A 222 -20.62 9.35 0.60
CA ARG A 222 -21.67 10.24 1.10
C ARG A 222 -21.35 10.79 2.49
N LYS A 223 -20.68 10.01 3.35
CA LYS A 223 -20.33 10.48 4.67
C LYS A 223 -19.02 11.25 4.69
N SER A 224 -18.54 11.66 3.52
CA SER A 224 -17.31 12.42 3.35
C SER A 224 -16.18 11.87 4.22
N TYR A 225 -15.92 10.57 4.02
CA TYR A 225 -14.80 9.89 4.66
C TYR A 225 -13.46 10.19 4.01
N ALA A 226 -13.44 10.94 2.90
CA ALA A 226 -12.21 11.17 2.12
C ALA A 226 -11.56 9.85 1.70
N PHE A 227 -12.41 8.90 1.30
CA PHE A 227 -11.97 7.55 1.01
C PHE A 227 -11.03 7.53 -0.20
N GLU A 228 -11.29 8.35 -1.21
CA GLU A 228 -10.43 8.37 -2.38
C GLU A 228 -9.03 8.87 -2.02
N GLU A 229 -8.95 9.89 -1.15
CA GLU A 229 -7.65 10.41 -0.74
C GLU A 229 -6.90 9.39 0.13
N LEU A 230 -7.63 8.61 0.94
CA LEU A 230 -6.98 7.55 1.70
C LEU A 230 -6.40 6.48 0.77
N ILE A 231 -7.20 6.01 -0.19
CA ILE A 231 -6.71 5.05 -1.18
C ILE A 231 -5.49 5.61 -1.90
N ALA A 232 -5.55 6.87 -2.32
CA ALA A 232 -4.44 7.43 -3.10
C ALA A 232 -3.19 7.57 -2.24
N GLU A 233 -3.35 7.94 -0.97
CA GLU A 233 -2.17 8.07 -0.14
C GLU A 233 -1.51 6.72 0.09
N ILE A 234 -2.30 5.69 0.43
CA ILE A 234 -1.72 4.35 0.63
C ILE A 234 -1.15 3.82 -0.68
N GLY A 235 -1.91 3.95 -1.77
CA GLY A 235 -1.43 3.49 -3.07
C GLY A 235 -0.16 4.21 -3.51
N ASN A 236 -0.05 5.50 -3.20
CA ASN A 236 1.17 6.25 -3.51
C ASN A 236 2.36 5.74 -2.69
N CYS A 237 2.13 5.40 -1.42
CA CYS A 237 3.20 4.80 -0.64
C CYS A 237 3.68 3.49 -1.25
N MET A 238 2.75 2.62 -1.67
CA MET A 238 3.13 1.38 -2.35
C MET A 238 3.87 1.67 -3.64
N LEU A 239 3.37 2.60 -4.44
CA LEU A 239 4.04 2.87 -5.72
C LEU A 239 5.41 3.49 -5.49
N CYS A 240 5.51 4.46 -4.58
CA CYS A 240 6.80 5.10 -4.34
C CYS A 240 7.81 4.11 -3.79
N ALA A 241 7.36 3.20 -2.91
CA ALA A 241 8.24 2.15 -2.43
C ALA A 241 8.86 1.40 -3.59
N SER A 242 8.07 1.06 -4.60
CA SER A 242 8.60 0.27 -5.72
C SER A 242 9.36 1.11 -6.74
N LEU A 243 9.20 2.45 -6.74
CA LEU A 243 9.92 3.31 -7.66
C LEU A 243 11.17 3.91 -7.04
N GLY A 244 11.42 3.65 -5.76
CA GLY A 244 12.51 4.32 -5.08
C GLY A 244 12.30 5.79 -4.80
N LEU A 245 11.04 6.21 -4.55
CA LEU A 245 10.72 7.60 -4.28
C LEU A 245 10.19 7.77 -2.86
N ILE A 246 10.19 9.02 -2.39
CA ILE A 246 9.76 9.41 -1.05
C ILE A 246 8.43 10.16 -1.15
N PRO A 247 7.32 9.57 -0.71
CA PRO A 247 6.02 10.23 -0.84
C PRO A 247 5.95 11.53 -0.06
N ASP A 248 5.17 12.46 -0.60
CA ASP A 248 4.83 13.70 0.07
C ASP A 248 3.54 13.53 0.86
N PHE A 249 3.58 13.85 2.15
CA PHE A 249 2.40 13.76 2.99
C PHE A 249 1.81 15.11 3.38
N ASP A 250 2.45 16.22 3.00
CA ASP A 250 2.04 17.52 3.52
C ASP A 250 0.70 18.00 2.96
N GLN A 251 0.17 17.37 1.91
CA GLN A 251 -1.11 17.75 1.34
C GLN A 251 -2.25 16.84 1.79
N SER A 252 -2.14 16.27 3.00
CA SER A 252 -3.15 15.36 3.51
C SER A 252 -3.64 15.72 4.90
N ALA A 253 -3.13 16.80 5.50
CA ALA A 253 -3.62 17.18 6.82
C ALA A 253 -5.13 17.40 6.81
N ALA A 254 -5.69 17.87 5.69
CA ALA A 254 -7.11 18.20 5.63
C ALA A 254 -8.01 16.97 5.66
N TYR A 255 -7.48 15.76 5.44
CA TYR A 255 -8.29 14.57 5.36
C TYR A 255 -8.16 13.65 6.56
N VAL A 256 -7.12 13.82 7.38
CA VAL A 256 -6.81 12.81 8.39
C VAL A 256 -7.97 12.66 9.37
N GLN A 257 -8.63 13.77 9.72
CA GLN A 257 -9.72 13.68 10.69
C GLN A 257 -10.87 12.85 10.14
N SER A 258 -11.20 13.01 8.87
CA SER A 258 -12.25 12.21 8.26
C SER A 258 -11.86 10.73 8.22
N TRP A 259 -10.58 10.45 7.98
CA TRP A 259 -10.12 9.06 7.98
C TRP A 259 -10.33 8.42 9.36
N LEU A 260 -9.96 9.13 10.43
CA LEU A 260 -10.22 8.64 11.78
C LEU A 260 -11.70 8.33 11.98
N ARG A 261 -12.54 9.31 11.66
CA ARG A 261 -13.98 9.12 11.72
C ARG A 261 -14.40 7.87 10.96
N ALA A 262 -13.86 7.69 9.76
CA ALA A 262 -14.24 6.55 8.94
C ALA A 262 -13.83 5.24 9.60
N LEU A 263 -12.58 5.17 10.08
CA LEU A 263 -12.08 3.94 10.71
C LEU A 263 -12.87 3.61 11.96
N LYS A 264 -13.23 4.63 12.76
CA LYS A 264 -14.01 4.38 13.97
C LYS A 264 -15.41 3.88 13.63
N ASP A 265 -15.98 4.34 12.50
CA ASP A 265 -17.31 3.88 12.09
C ASP A 265 -17.29 2.45 11.55
N ASP A 266 -16.23 2.07 10.81
CA ASP A 266 -16.28 0.84 10.00
C ASP A 266 -14.94 0.11 10.13
N LYS A 267 -14.94 -0.98 10.89
CA LYS A 267 -13.72 -1.76 11.13
C LYS A 267 -13.23 -2.48 9.88
N ARG A 268 -14.04 -2.58 8.82
CA ARG A 268 -13.61 -3.20 7.57
C ARG A 268 -13.08 -2.20 6.56
N LEU A 269 -13.22 -0.90 6.82
CA LEU A 269 -12.94 0.08 5.76
C LEU A 269 -11.46 0.09 5.38
N ILE A 270 -10.55 0.03 6.36
CA ILE A 270 -9.14 0.12 6.02
C ILE A 270 -8.71 -1.05 5.13
N PHE A 271 -9.38 -2.20 5.27
CA PHE A 271 -9.08 -3.35 4.42
C PHE A 271 -9.46 -3.07 2.98
N LYS A 272 -10.63 -2.46 2.76
CA LYS A 272 -11.03 -2.15 1.40
C LYS A 272 -10.12 -1.08 0.81
N ALA A 273 -9.74 -0.10 1.63
CA ALA A 273 -8.85 0.95 1.14
C ALA A 273 -7.51 0.37 0.73
N ALA A 274 -6.97 -0.56 1.55
CA ALA A 274 -5.65 -1.10 1.24
C ALA A 274 -5.71 -1.98 0.00
N THR A 275 -6.81 -2.73 -0.17
CA THR A 275 -6.97 -3.54 -1.36
C THR A 275 -7.07 -2.66 -2.62
N GLU A 276 -7.88 -1.59 -2.54
CA GLU A 276 -7.98 -0.66 -3.67
C GLU A 276 -6.65 0.04 -3.94
N ALA A 277 -5.93 0.43 -2.89
CA ALA A 277 -4.60 1.02 -3.04
C ALA A 277 -3.68 0.06 -3.80
N GLN A 278 -3.69 -1.22 -3.39
CA GLN A 278 -2.84 -2.21 -4.06
C GLN A 278 -3.21 -2.35 -5.53
N LYS A 279 -4.51 -2.31 -5.85
CA LYS A 279 -4.96 -2.41 -7.25
C LYS A 279 -4.47 -1.23 -8.08
N ALA A 280 -4.45 -0.04 -7.49
CA ALA A 280 -3.95 1.14 -8.20
C ALA A 280 -2.47 0.99 -8.52
N ALA A 281 -1.66 0.64 -7.51
CA ALA A 281 -0.23 0.44 -7.74
C ALA A 281 0.02 -0.68 -8.74
N ASP A 282 -0.75 -1.77 -8.65
CA ASP A 282 -0.64 -2.87 -9.61
C ASP A 282 -0.88 -2.39 -11.04
N LEU A 283 -1.95 -1.62 -11.26
CA LEU A 283 -2.31 -1.27 -12.61
C LEU A 283 -1.24 -0.41 -13.26
N LEU A 284 -0.66 0.54 -12.51
CA LEU A 284 0.39 1.37 -13.10
C LEU A 284 1.60 0.52 -13.48
N GLN A 285 2.00 -0.41 -12.61
CA GLN A 285 3.16 -1.24 -12.89
C GLN A 285 2.88 -2.23 -14.02
N GLU A 286 1.65 -2.78 -14.07
CA GLU A 286 1.28 -3.68 -15.16
C GLU A 286 1.26 -2.97 -16.51
N ASN A 287 0.66 -1.78 -16.58
CA ASN A 287 0.65 -1.01 -17.82
C ASN A 287 2.08 -0.75 -18.30
N ALA A 288 2.94 -0.30 -17.39
CA ALA A 288 4.30 0.09 -17.76
C ALA A 288 5.17 -1.10 -18.18
N ALA A 289 4.75 -2.32 -17.87
CA ALA A 289 5.45 -3.54 -18.28
C ALA A 289 4.79 -4.24 -19.46
N ASN A 290 3.75 -3.63 -20.06
CA ASN A 290 2.97 -4.26 -21.14
C ASN A 290 2.46 -5.64 -20.75
N PHE A 291 2.05 -5.75 -19.48
CA PHE A 291 1.44 -6.94 -18.92
C PHE A 291 0.22 -7.38 -19.72
N GLN A 292 0.09 -8.69 -19.96
CA GLN A 292 -1.12 -9.22 -20.57
C GLN A 292 -1.27 -10.69 -20.17
N ARG A 293 -2.47 -11.23 -20.44
CA ARG A 293 -2.88 -12.51 -19.84
C ARG A 293 -2.30 -13.74 -20.54
C1 MPD B . -17.74 4.48 2.83
C2 MPD B . -17.25 4.06 1.46
O2 MPD B . -18.35 3.44 0.77
CM MPD B . -16.83 5.30 0.68
C3 MPD B . -16.09 3.07 1.56
C4 MPD B . -16.42 1.59 1.80
O4 MPD B . -17.57 1.45 2.61
C5 MPD B . -16.64 0.84 0.49
C1 MPD C . 6.62 -18.19 19.32
C2 MPD C . 5.65 -19.36 19.38
O2 MPD C . 6.40 -20.51 19.81
CM MPD C . 4.58 -19.10 20.44
C3 MPD C . 5.01 -19.63 18.00
C4 MPD C . 5.51 -20.89 17.29
O4 MPD C . 5.86 -21.93 18.18
C5 MPD C . 4.48 -21.49 16.35
#